data_6S9T
#
_entry.id   6S9T
#
_cell.length_a   70.217
_cell.length_b   70.217
_cell.length_c   122.257
_cell.angle_alpha   90.000
_cell.angle_beta   90.000
_cell.angle_gamma   120.000
#
_symmetry.space_group_name_H-M   'P 32 2 1'
#
loop_
_entity.id
_entity.type
_entity.pdbx_description
1 polymer 'LIM domain-binding protein 1'
2 polymer 'Darpin 3'
3 non-polymer 'TETRAETHYLENE GLYCOL'
4 water water
#
loop_
_entity_poly.entity_id
_entity_poly.type
_entity_poly.pdbx_seq_one_letter_code
_entity_poly.pdbx_strand_id
1 'polypeptide(L)'
;SSGGIGRHTPYGNQTDYRIFELNKRLQNWTEECDNLWWDAFTTEFFEDDA(MSE)LTITFCLEDGPKRYTIGRTLIPRYF
RSIFEGGATELYYVLKHPKESFHNNFVSLDCDQCT(MSE)VTQHGKP(MSE)FTQVCVEGRLYLEF(MSE)FDD(MSE)
(MSE)RIKTWHFSIRQHRELIPRSILA(MSE)HAQDPQ(MSE)LDQLSKNITRCGLS
;
A
2 'polypeptide(L)'
;MRGSHHHHHHHHHHGGGGSYPYDVPDYALEVLFQGPGSDLGKKLLEAATEGQDDEVRILMANGADVNAHDRLGSTPLHLA
AKMGHLEIVEVLLKTGADVNAEDTAGYTPLHLAAAWGHLEIVEVLLKHGADVNAQDKFGKTPFDLAAIFGNEDIAEVLQK
AAKLN
;
D
#
# COMPACT_ATOMS: atom_id res chain seq x y z
N GLN A 14 4.82 -25.24 -8.52
CA GLN A 14 5.89 -24.68 -7.65
C GLN A 14 5.83 -23.15 -7.69
N THR A 15 6.46 -22.48 -6.73
CA THR A 15 6.18 -21.08 -6.31
C THR A 15 6.77 -20.08 -7.29
N ASP A 16 7.68 -20.52 -8.14
CA ASP A 16 8.53 -19.65 -8.99
C ASP A 16 7.64 -18.99 -10.05
N TYR A 17 6.86 -19.79 -10.77
CA TYR A 17 5.84 -19.39 -11.77
C TYR A 17 4.91 -18.31 -11.18
N ARG A 18 4.66 -18.33 -9.86
CA ARG A 18 3.81 -17.29 -9.20
C ARG A 18 4.51 -15.95 -9.37
N ILE A 19 5.83 -15.88 -9.15
CA ILE A 19 6.55 -14.57 -9.18
C ILE A 19 6.76 -14.21 -10.66
N PHE A 20 6.74 -15.20 -11.55
CA PHE A 20 6.68 -15.00 -13.02
C PHE A 20 5.41 -14.18 -13.32
N GLU A 21 4.27 -14.72 -12.93
CA GLU A 21 2.92 -14.12 -13.16
C GLU A 21 2.84 -12.73 -12.51
N LEU A 22 3.36 -12.57 -11.29
CA LEU A 22 3.35 -11.26 -10.59
C LEU A 22 4.13 -10.23 -11.42
N ASN A 23 5.34 -10.57 -11.85
CA ASN A 23 6.20 -9.70 -12.70
C ASN A 23 5.44 -9.40 -14.01
N LYS A 24 4.83 -10.41 -14.62
CA LYS A 24 4.14 -10.23 -15.92
C LYS A 24 2.95 -9.27 -15.76
N ARG A 25 2.18 -9.41 -14.69
CA ARG A 25 1.02 -8.51 -14.47
C ARG A 25 1.53 -7.08 -14.29
N LEU A 26 2.57 -6.94 -13.47
CA LEU A 26 3.21 -5.61 -13.24
C LEU A 26 3.58 -5.01 -14.59
N GLN A 27 4.08 -5.80 -15.55
CA GLN A 27 4.53 -5.29 -16.87
C GLN A 27 3.36 -4.67 -17.63
N ASN A 28 2.12 -4.72 -17.11
CA ASN A 28 0.89 -4.09 -17.69
C ASN A 28 0.55 -2.76 -17.02
N TRP A 29 1.32 -2.33 -16.03
CA TRP A 29 1.05 -1.04 -15.36
C TRP A 29 1.15 0.07 -16.39
N THR A 30 0.19 1.00 -16.34
CA THR A 30 0.22 2.33 -17.01
C THR A 30 -0.23 3.32 -15.94
N GLU A 31 0.01 4.62 -16.11
CA GLU A 31 -0.50 5.68 -15.19
C GLU A 31 -2.03 5.68 -15.19
N GLU A 32 -2.65 4.99 -16.16
CA GLU A 32 -4.12 4.80 -16.28
C GLU A 32 -4.60 3.70 -15.34
N CYS A 33 -3.69 2.82 -14.88
CA CYS A 33 -3.99 1.69 -13.96
C CYS A 33 -4.69 2.24 -12.71
N ASP A 34 -6.01 2.06 -12.66
CA ASP A 34 -6.91 2.65 -11.64
C ASP A 34 -6.83 1.82 -10.37
N ASN A 35 -7.41 2.36 -9.31
CA ASN A 35 -7.34 1.89 -7.91
C ASN A 35 -7.95 0.47 -7.84
N LEU A 36 -8.93 0.18 -8.71
CA LEU A 36 -9.57 -1.15 -8.86
C LEU A 36 -8.57 -2.20 -9.40
N TRP A 37 -7.72 -1.81 -10.36
CA TRP A 37 -6.69 -2.70 -10.95
C TRP A 37 -5.72 -3.16 -9.84
N TRP A 38 -5.29 -2.26 -8.97
CA TRP A 38 -4.43 -2.60 -7.82
C TRP A 38 -5.10 -3.64 -6.91
N ASP A 39 -6.43 -3.55 -6.71
CA ASP A 39 -7.15 -4.49 -5.82
C ASP A 39 -7.22 -5.87 -6.48
N ALA A 40 -7.47 -5.88 -7.78
CA ALA A 40 -7.51 -7.12 -8.58
C ALA A 40 -6.08 -7.72 -8.69
N PHE A 41 -5.06 -6.90 -8.78
CA PHE A 41 -3.68 -7.43 -8.76
C PHE A 41 -3.38 -8.09 -7.40
N THR A 42 -3.75 -7.40 -6.33
CA THR A 42 -3.46 -7.86 -4.95
C THR A 42 -4.30 -9.12 -4.66
N THR A 43 -5.56 -9.16 -5.08
CA THR A 43 -6.43 -10.35 -4.96
C THR A 43 -5.81 -11.51 -5.74
N GLU A 44 -5.26 -11.28 -6.93
CA GLU A 44 -4.71 -12.40 -7.72
C GLU A 44 -3.55 -13.05 -6.95
N PHE A 45 -2.69 -12.28 -6.24
CA PHE A 45 -1.37 -12.78 -5.77
C PHE A 45 -1.29 -12.93 -4.26
N PHE A 46 -2.16 -12.29 -3.47
CA PHE A 46 -2.05 -12.31 -1.98
C PHE A 46 -3.33 -12.91 -1.36
N GLU A 47 -3.15 -13.61 -0.23
CA GLU A 47 -4.24 -14.14 0.62
C GLU A 47 -4.99 -12.98 1.27
N ASP A 48 -6.17 -13.26 1.82
CA ASP A 48 -7.06 -12.23 2.44
C ASP A 48 -6.44 -11.75 3.76
N ASP A 49 -5.56 -12.54 4.36
CA ASP A 49 -4.90 -12.17 5.64
C ASP A 49 -3.38 -11.98 5.41
N ALA A 50 -2.95 -11.69 4.18
CA ALA A 50 -1.51 -11.49 3.81
C ALA A 50 -0.89 -10.36 4.61
N LEU A 52 2.91 -7.96 4.64
CA LEU A 52 4.06 -7.56 3.87
C LEU A 52 4.97 -6.76 4.80
N THR A 53 6.23 -7.22 4.91
CA THR A 53 7.27 -6.58 5.74
C THR A 53 8.44 -6.16 4.85
N ILE A 54 8.88 -4.92 5.03
CA ILE A 54 10.16 -4.40 4.48
C ILE A 54 11.10 -4.17 5.65
N THR A 55 12.31 -4.70 5.57
CA THR A 55 13.43 -4.39 6.49
C THR A 55 14.50 -3.65 5.70
N PHE A 56 14.98 -2.51 6.20
CA PHE A 56 15.90 -1.59 5.49
C PHE A 56 17.34 -1.95 5.85
N CYS A 57 18.31 -1.40 5.12
CA CYS A 57 19.75 -1.65 5.40
C CYS A 57 20.08 -0.96 6.72
N LEU A 58 21.10 -1.48 7.41
CA LEU A 58 21.41 -1.25 8.87
C LEU A 58 22.35 -0.04 9.03
N GLU A 59 22.68 0.62 7.91
CA GLU A 59 23.61 1.77 7.82
C GLU A 59 22.90 3.05 8.28
N ASP A 60 21.73 3.35 7.72
CA ASP A 60 20.84 4.46 8.16
C ASP A 60 19.84 3.91 9.18
N GLY A 61 20.37 3.18 10.18
CA GLY A 61 19.59 2.53 11.26
C GLY A 61 19.01 1.20 10.83
N PRO A 62 18.42 0.43 11.77
CA PRO A 62 17.57 -0.71 11.42
C PRO A 62 16.10 -0.26 11.44
N LYS A 63 15.48 -0.09 10.28
CA LYS A 63 14.06 0.29 10.10
C LYS A 63 13.31 -0.91 9.51
N ARG A 64 12.06 -1.13 9.97
CA ARG A 64 11.17 -2.28 9.64
C ARG A 64 9.73 -1.79 9.68
N TYR A 65 8.93 -2.00 8.63
CA TYR A 65 7.46 -1.89 8.77
C TYR A 65 6.79 -3.12 8.17
N THR A 66 5.61 -3.43 8.73
CA THR A 66 4.72 -4.53 8.33
C THR A 66 3.37 -3.89 8.02
N ILE A 67 2.75 -4.28 6.92
CA ILE A 67 1.41 -3.73 6.61
C ILE A 67 0.48 -4.91 6.37
N GLY A 68 -0.80 -4.72 6.68
CA GLY A 68 -1.83 -5.75 6.50
C GLY A 68 -2.33 -5.79 5.09
N ARG A 69 -3.17 -6.77 4.79
CA ARG A 69 -3.67 -7.02 3.43
C ARG A 69 -4.34 -5.77 2.81
N THR A 70 -5.06 -4.99 3.60
CA THR A 70 -5.86 -3.87 3.04
C THR A 70 -4.96 -2.69 2.64
N LEU A 71 -3.67 -2.68 2.90
CA LEU A 71 -2.78 -1.58 2.42
C LEU A 71 -1.68 -2.13 1.51
N ILE A 72 -1.70 -3.43 1.17
CA ILE A 72 -0.71 -4.01 0.22
C ILE A 72 -0.89 -3.33 -1.14
N PRO A 73 -2.13 -3.02 -1.59
CA PRO A 73 -2.33 -2.30 -2.84
C PRO A 73 -1.60 -0.94 -2.78
N ARG A 74 -1.64 -0.35 -1.57
CA ARG A 74 -1.13 1.01 -1.34
C ARG A 74 0.38 0.92 -1.55
N TYR A 75 1.03 -0.08 -0.97
CA TYR A 75 2.50 -0.30 -1.06
C TYR A 75 2.96 -0.37 -2.51
N PHE A 76 2.36 -1.27 -3.28
CA PHE A 76 2.79 -1.46 -4.69
C PHE A 76 2.57 -0.15 -5.42
N ARG A 77 1.43 0.47 -5.21
CA ARG A 77 1.06 1.69 -5.95
C ARG A 77 2.09 2.79 -5.67
N SER A 78 2.59 2.88 -4.43
CA SER A 78 3.52 3.98 -4.01
C SER A 78 4.84 3.89 -4.79
N ILE A 79 5.21 2.70 -5.23
CA ILE A 79 6.44 2.52 -6.04
C ILE A 79 6.28 3.30 -7.35
N PHE A 80 5.16 3.13 -8.05
CA PHE A 80 4.88 3.92 -9.28
C PHE A 80 4.64 5.40 -8.93
N GLU A 81 3.98 5.74 -7.82
CA GLU A 81 3.77 7.17 -7.43
C GLU A 81 5.17 7.78 -7.22
N GLY A 82 6.08 6.99 -6.66
CA GLY A 82 7.52 7.29 -6.45
C GLY A 82 8.29 7.61 -7.74
N GLY A 83 7.72 7.33 -8.92
CA GLY A 83 8.25 7.72 -10.24
C GLY A 83 8.69 6.53 -11.08
N ALA A 84 8.55 5.31 -10.56
CA ALA A 84 8.87 4.07 -11.29
C ALA A 84 7.93 3.97 -12.50
N THR A 85 8.46 3.63 -13.67
CA THR A 85 7.70 3.36 -14.90
C THR A 85 7.62 1.85 -15.11
N GLU A 86 8.46 1.11 -14.40
CA GLU A 86 8.56 -0.38 -14.48
C GLU A 86 9.02 -0.91 -13.13
N LEU A 87 8.53 -2.08 -12.76
CA LEU A 87 8.93 -2.81 -11.56
C LEU A 87 8.96 -4.28 -11.93
N TYR A 88 10.04 -4.96 -11.56
CA TYR A 88 10.10 -6.43 -11.62
C TYR A 88 11.07 -6.93 -10.57
N TYR A 89 10.92 -8.21 -10.22
CA TYR A 89 11.70 -8.89 -9.15
C TYR A 89 12.52 -9.99 -9.83
N VAL A 90 13.83 -9.88 -9.74
CA VAL A 90 14.78 -10.91 -10.27
C VAL A 90 15.19 -11.78 -9.08
N LEU A 91 14.71 -13.02 -9.09
CA LEU A 91 14.98 -14.05 -8.07
C LEU A 91 16.05 -14.94 -8.66
N LYS A 92 17.13 -15.19 -7.92
CA LYS A 92 18.30 -16.01 -8.36
C LYS A 92 18.37 -17.25 -7.48
N HIS A 93 18.16 -18.43 -8.07
CA HIS A 93 18.12 -19.77 -7.42
C HIS A 93 17.45 -19.65 -6.06
N PRO A 94 16.12 -19.42 -6.10
CA PRO A 94 15.33 -19.32 -4.89
C PRO A 94 15.19 -20.74 -4.32
N LYS A 95 15.36 -20.83 -3.01
CA LYS A 95 15.20 -22.06 -2.19
C LYS A 95 13.70 -22.23 -1.86
N GLU A 96 13.05 -23.23 -2.46
CA GLU A 96 11.65 -23.65 -2.17
C GLU A 96 11.64 -24.71 -1.07
N SER A 97 10.81 -24.59 -0.01
CA SER A 97 10.63 -25.61 1.06
C SER A 97 9.15 -25.87 1.35
N PHE A 98 8.81 -27.15 1.54
CA PHE A 98 7.43 -27.66 1.74
C PHE A 98 7.21 -27.92 3.23
N HIS A 99 6.17 -27.29 3.76
CA HIS A 99 5.59 -27.51 5.11
C HIS A 99 4.23 -28.13 4.84
N ASN A 100 3.43 -28.42 5.87
CA ASN A 100 2.12 -29.12 5.71
C ASN A 100 1.14 -28.15 5.04
N ASN A 101 0.96 -26.97 5.63
CA ASN A 101 -0.10 -26.01 5.21
C ASN A 101 0.47 -24.93 4.29
N PHE A 102 1.80 -24.78 4.15
CA PHE A 102 2.43 -23.68 3.36
C PHE A 102 3.73 -24.12 2.67
N VAL A 103 4.02 -23.46 1.55
CA VAL A 103 5.32 -23.55 0.83
C VAL A 103 6.10 -22.27 1.13
N SER A 104 7.39 -22.41 1.43
CA SER A 104 8.28 -21.25 1.64
C SER A 104 9.17 -21.06 0.41
N LEU A 105 9.40 -19.80 0.04
CA LEU A 105 10.37 -19.42 -1.02
C LEU A 105 11.39 -18.46 -0.39
N ASP A 106 12.64 -18.84 -0.34
CA ASP A 106 13.65 -18.00 0.35
C ASP A 106 14.73 -17.65 -0.67
N CYS A 107 14.80 -16.40 -1.12
CA CYS A 107 15.74 -15.98 -2.18
C CYS A 107 16.75 -14.98 -1.60
N ASP A 108 18.02 -15.36 -1.44
CA ASP A 108 18.96 -14.42 -0.78
C ASP A 108 19.53 -13.47 -1.83
N GLN A 109 19.19 -13.70 -3.11
CA GLN A 109 19.61 -12.80 -4.22
C GLN A 109 18.38 -12.38 -5.01
N CYS A 110 17.53 -11.59 -4.36
CA CYS A 110 16.39 -10.90 -4.97
C CYS A 110 16.82 -9.48 -5.34
N THR A 111 16.64 -9.10 -6.60
CA THR A 111 16.83 -7.72 -7.05
C THR A 111 15.46 -7.16 -7.45
N VAL A 113 13.88 -4.22 -9.23
CA VAL A 113 14.32 -3.34 -10.31
C VAL A 113 13.20 -2.34 -10.65
N THR A 114 13.47 -1.04 -10.56
CA THR A 114 12.53 0.02 -11.02
C THR A 114 13.24 0.88 -12.05
N GLN A 115 12.60 1.11 -13.19
CA GLN A 115 13.01 2.16 -14.12
C GLN A 115 12.26 3.46 -13.72
N HIS A 116 12.94 4.60 -13.84
CA HIS A 116 12.38 5.96 -13.77
C HIS A 116 12.54 6.60 -15.15
N GLY A 117 11.74 7.63 -15.40
CA GLY A 117 11.70 8.40 -16.66
C GLY A 117 12.69 9.57 -16.69
N LYS A 118 12.46 10.46 -17.65
CA LYS A 118 13.25 11.69 -17.87
C LYS A 118 13.24 12.52 -16.59
N PRO A 119 14.31 13.30 -16.30
CA PRO A 119 15.48 13.44 -17.17
C PRO A 119 16.66 12.49 -17.03
N PHE A 121 16.48 9.05 -16.32
CA PHE A 121 16.20 7.65 -16.62
C PHE A 121 16.93 6.76 -15.62
N THR A 122 17.03 7.18 -14.36
CA THR A 122 17.66 6.38 -13.28
C THR A 122 17.02 4.99 -13.23
N GLN A 123 17.82 3.92 -13.20
CA GLN A 123 17.35 2.58 -12.83
C GLN A 123 17.81 2.31 -11.39
N VAL A 124 16.89 1.98 -10.50
CA VAL A 124 17.24 1.61 -9.09
C VAL A 124 17.15 0.08 -8.92
N CYS A 125 18.18 -0.50 -8.32
CA CYS A 125 18.31 -1.96 -8.07
C CYS A 125 18.52 -2.15 -6.59
N VAL A 126 17.47 -2.64 -5.95
CA VAL A 126 17.46 -2.94 -4.50
C VAL A 126 17.70 -4.44 -4.37
N GLU A 127 18.87 -4.79 -3.85
CA GLU A 127 19.32 -6.19 -3.66
C GLU A 127 19.03 -6.55 -2.21
N GLY A 128 18.46 -7.72 -2.05
CA GLY A 128 18.23 -8.25 -0.70
C GLY A 128 17.63 -9.63 -0.73
N ARG A 129 17.19 -10.07 0.43
CA ARG A 129 16.67 -11.43 0.64
C ARG A 129 15.15 -11.33 0.66
N LEU A 130 14.49 -12.09 -0.19
CA LEU A 130 13.00 -12.12 -0.23
C LEU A 130 12.57 -13.48 0.28
N TYR A 131 11.80 -13.46 1.36
CA TYR A 131 11.20 -14.64 1.99
C TYR A 131 9.70 -14.54 1.81
N LEU A 132 9.13 -15.55 1.15
CA LEU A 132 7.68 -15.65 0.89
C LEU A 132 7.13 -16.94 1.47
N GLU A 133 5.90 -16.87 1.95
CA GLU A 133 5.07 -18.05 2.33
C GLU A 133 3.82 -18.06 1.47
N PHE A 134 3.62 -19.12 0.69
CA PHE A 134 2.43 -19.33 -0.17
C PHE A 134 1.56 -20.37 0.53
N PHE A 136 -0.63 -23.47 0.60
CA PHE A 136 -0.61 -24.76 -0.10
C PHE A 136 -1.95 -25.03 -0.78
N ASP A 137 -1.99 -24.87 -2.10
CA ASP A 137 -3.25 -24.94 -2.91
C ASP A 137 -4.37 -24.23 -2.14
N ASP A 138 -4.13 -22.99 -1.72
CA ASP A 138 -5.17 -21.94 -1.53
C ASP A 138 -4.93 -20.95 -2.67
N ARG A 141 -1.54 -18.36 -3.33
CA ARG A 141 -1.48 -16.93 -3.09
C ARG A 141 -0.54 -16.67 -1.91
N ILE A 142 0.03 -15.48 -1.85
CA ILE A 142 1.10 -15.15 -0.88
C ILE A 142 0.45 -14.79 0.45
N LYS A 143 0.88 -15.48 1.50
CA LYS A 143 0.46 -15.21 2.89
C LYS A 143 1.49 -14.27 3.53
N THR A 144 2.79 -14.45 3.27
CA THR A 144 3.86 -13.62 3.90
C THR A 144 4.84 -13.08 2.86
N TRP A 145 5.16 -11.79 2.96
CA TRP A 145 6.18 -11.18 2.09
C TRP A 145 7.14 -10.39 2.96
N HIS A 146 8.41 -10.82 3.00
CA HIS A 146 9.44 -10.18 3.84
C HIS A 146 10.67 -9.92 2.96
N PHE A 147 10.90 -8.64 2.67
CA PHE A 147 12.06 -8.21 1.87
C PHE A 147 13.02 -7.49 2.81
N SER A 148 14.21 -8.07 2.96
CA SER A 148 15.31 -7.50 3.77
C SER A 148 16.37 -6.94 2.83
N ILE A 149 16.54 -5.63 2.78
CA ILE A 149 17.41 -4.92 1.81
C ILE A 149 18.85 -4.97 2.32
N ARG A 150 19.78 -5.52 1.54
CA ARG A 150 21.23 -5.55 1.87
C ARG A 150 21.88 -4.27 1.34
N GLN A 151 21.68 -3.98 0.05
CA GLN A 151 22.34 -2.83 -0.59
C GLN A 151 21.50 -2.43 -1.79
N HIS A 152 21.81 -1.29 -2.39
CA HIS A 152 21.17 -0.88 -3.65
C HIS A 152 22.20 -0.25 -4.56
N ARG A 153 21.84 -0.21 -5.83
CA ARG A 153 22.63 0.37 -6.93
C ARG A 153 21.69 1.33 -7.64
N GLU A 154 22.21 2.48 -8.02
CA GLU A 154 21.50 3.48 -8.86
C GLU A 154 22.27 3.55 -10.20
N LEU A 155 21.61 3.20 -11.30
CA LEU A 155 22.28 3.18 -12.62
C LEU A 155 21.80 4.37 -13.45
N ILE A 156 22.76 4.98 -14.14
CA ILE A 156 22.65 6.17 -15.04
C ILE A 156 22.92 5.71 -16.45
N PRO A 157 22.08 6.02 -17.45
CA PRO A 157 22.46 5.80 -18.84
C PRO A 157 23.73 6.58 -19.18
N ARG A 158 24.59 5.99 -19.98
CA ARG A 158 25.83 6.64 -20.44
C ARG A 158 25.49 7.96 -21.12
N SER A 159 24.42 8.01 -21.93
CA SER A 159 24.03 9.23 -22.68
C SER A 159 23.82 10.40 -21.71
N ILE A 160 23.36 10.14 -20.50
CA ILE A 160 23.13 11.23 -19.52
C ILE A 160 24.47 11.66 -18.92
N LEU A 161 25.35 10.71 -18.61
CA LEU A 161 26.74 11.01 -18.23
C LEU A 161 27.34 11.90 -19.32
N ALA A 162 27.28 11.45 -20.59
CA ALA A 162 27.92 12.12 -21.76
C ALA A 162 27.46 13.58 -21.82
N HIS A 164 26.53 15.65 -19.66
CA HIS A 164 26.98 16.51 -18.58
C HIS A 164 28.49 16.39 -18.29
N ALA A 165 29.26 15.67 -19.12
CA ALA A 165 30.67 15.26 -18.87
C ALA A 165 31.58 16.48 -18.62
N GLN A 166 31.27 17.62 -19.24
CA GLN A 166 32.10 18.85 -19.15
C GLN A 166 31.42 19.86 -18.20
N ASP A 167 30.57 19.39 -17.28
CA ASP A 167 29.68 20.21 -16.43
C ASP A 167 29.81 19.80 -14.96
N PRO A 168 30.78 20.38 -14.22
CA PRO A 168 30.95 20.09 -12.80
C PRO A 168 29.67 20.20 -11.99
N GLN A 169 28.80 21.18 -12.28
CA GLN A 169 27.57 21.39 -11.50
C GLN A 169 26.74 20.10 -11.59
N LEU A 171 27.65 17.16 -12.71
CA LEU A 171 28.38 15.98 -12.26
C LEU A 171 28.26 15.85 -10.73
N ASP A 172 28.30 16.97 -10.01
CA ASP A 172 27.98 17.00 -8.56
C ASP A 172 26.55 16.47 -8.32
N GLN A 173 25.57 16.99 -9.06
CA GLN A 173 24.17 16.51 -8.95
C GLN A 173 24.15 14.98 -9.11
N LEU A 174 24.73 14.47 -10.22
CA LEU A 174 24.66 13.04 -10.65
C LEU A 174 25.48 12.14 -9.72
N SER A 175 26.48 12.70 -9.05
CA SER A 175 27.44 11.95 -8.20
C SER A 175 26.78 11.55 -6.88
N LYS A 176 25.68 12.20 -6.51
CA LYS A 176 24.95 11.95 -5.23
C LYS A 176 23.83 10.92 -5.41
N ASN A 177 23.72 9.95 -4.48
CA ASN A 177 22.62 8.96 -4.47
C ASN A 177 21.28 9.61 -4.12
N ILE A 178 20.19 8.99 -4.55
CA ILE A 178 18.79 9.32 -4.21
C ILE A 178 18.53 8.98 -2.74
N THR A 179 18.87 7.77 -2.30
CA THR A 179 18.64 7.26 -0.92
C THR A 179 19.83 6.44 -0.41
N ARG A 180 19.87 6.24 0.92
CA ARG A 180 20.96 5.57 1.69
C ARG A 180 20.64 5.66 3.19
N SER B 38 -25.57 -9.71 2.65
CA SER B 38 -26.69 -8.92 2.07
C SER B 38 -26.24 -8.36 0.71
N ASP B 39 -27.11 -8.42 -0.30
CA ASP B 39 -26.89 -7.74 -1.60
C ASP B 39 -26.85 -6.22 -1.39
N LEU B 40 -27.81 -5.67 -0.64
CA LEU B 40 -27.87 -4.20 -0.42
C LEU B 40 -26.53 -3.69 0.14
N GLY B 41 -25.99 -4.35 1.16
CA GLY B 41 -24.69 -4.05 1.77
C GLY B 41 -23.54 -4.06 0.74
N LYS B 42 -23.49 -5.08 -0.11
CA LYS B 42 -22.50 -5.24 -1.20
C LYS B 42 -22.58 -4.04 -2.14
N LYS B 43 -23.80 -3.65 -2.49
CA LYS B 43 -24.03 -2.55 -3.46
C LYS B 43 -23.51 -1.26 -2.85
N LEU B 44 -23.65 -1.13 -1.53
CA LEU B 44 -23.30 0.12 -0.81
C LEU B 44 -21.77 0.18 -0.72
N LEU B 45 -21.15 -0.94 -0.37
CA LEU B 45 -19.64 -1.07 -0.36
C LEU B 45 -19.06 -0.62 -1.73
N GLU B 46 -19.63 -1.15 -2.80
CA GLU B 46 -19.25 -0.82 -4.20
C GLU B 46 -19.49 0.65 -4.55
N ALA B 47 -20.69 1.18 -4.26
CA ALA B 47 -21.05 2.59 -4.54
C ALA B 47 -20.04 3.53 -3.83
N ALA B 48 -19.66 3.21 -2.59
CA ALA B 48 -18.75 4.01 -1.75
C ALA B 48 -17.34 4.00 -2.37
N THR B 49 -16.91 2.83 -2.80
CA THR B 49 -15.59 2.61 -3.41
C THR B 49 -15.50 3.43 -4.70
N GLU B 50 -16.54 3.36 -5.51
CA GLU B 50 -16.55 3.93 -6.88
C GLU B 50 -16.93 5.42 -6.86
N GLY B 51 -17.27 6.02 -5.72
CA GLY B 51 -17.53 7.47 -5.64
C GLY B 51 -18.91 7.86 -6.18
N GLN B 52 -19.90 6.93 -6.16
CA GLN B 52 -21.27 7.11 -6.72
C GLN B 52 -22.22 7.72 -5.66
N ASP B 53 -22.17 9.05 -5.50
CA ASP B 53 -22.85 9.83 -4.42
C ASP B 53 -24.35 9.52 -4.41
N ASP B 54 -24.94 9.52 -5.59
CA ASP B 54 -26.40 9.36 -5.78
C ASP B 54 -26.77 7.90 -5.47
N GLU B 55 -26.01 6.94 -5.97
CA GLU B 55 -26.25 5.51 -5.67
C GLU B 55 -26.16 5.27 -4.16
N VAL B 56 -25.19 5.84 -3.46
CA VAL B 56 -25.03 5.71 -1.97
C VAL B 56 -26.33 6.26 -1.33
N ARG B 57 -26.81 7.41 -1.79
CA ARG B 57 -28.06 8.04 -1.26
C ARG B 57 -29.20 7.02 -1.35
N ILE B 58 -29.43 6.48 -2.55
CA ILE B 58 -30.55 5.54 -2.85
C ILE B 58 -30.43 4.30 -1.96
N LEU B 59 -29.23 3.71 -1.83
CA LEU B 59 -29.05 2.43 -1.12
C LEU B 59 -29.39 2.67 0.34
N MET B 60 -28.89 3.77 0.89
CA MET B 60 -29.16 4.12 2.31
C MET B 60 -30.68 4.33 2.51
N ALA B 61 -31.35 5.01 1.59
CA ALA B 61 -32.81 5.27 1.61
C ALA B 61 -33.57 3.93 1.64
N ASN B 62 -33.04 2.87 1.00
CA ASN B 62 -33.71 1.53 0.93
C ASN B 62 -33.28 0.66 2.12
N GLY B 63 -32.47 1.20 3.04
CA GLY B 63 -32.06 0.48 4.27
C GLY B 63 -30.79 -0.32 4.10
N ALA B 64 -29.88 0.05 3.19
CA ALA B 64 -28.52 -0.55 3.15
C ALA B 64 -27.81 -0.26 4.47
N ASP B 65 -27.35 -1.32 5.14
CA ASP B 65 -26.50 -1.30 6.35
C ASP B 65 -25.22 -0.48 6.11
N VAL B 66 -25.14 0.65 6.80
CA VAL B 66 -24.07 1.68 6.74
C VAL B 66 -22.73 1.01 7.21
N ASN B 67 -22.84 -0.01 8.07
CA ASN B 67 -21.72 -0.74 8.72
C ASN B 67 -21.58 -2.16 8.11
N ALA B 68 -22.03 -2.36 6.88
CA ALA B 68 -21.76 -3.60 6.12
C ALA B 68 -20.23 -3.75 5.95
N HIS B 69 -19.77 -4.98 5.80
CA HIS B 69 -18.34 -5.42 5.80
C HIS B 69 -18.11 -6.22 4.50
N ASP B 70 -16.97 -6.03 3.77
CA ASP B 70 -16.63 -6.92 2.64
C ASP B 70 -15.81 -8.09 3.18
N ARG B 71 -15.37 -8.98 2.28
CA ARG B 71 -14.39 -10.08 2.50
C ARG B 71 -13.30 -9.65 3.50
N LEU B 72 -12.78 -8.43 3.38
CA LEU B 72 -11.57 -7.97 4.11
C LEU B 72 -11.97 -7.19 5.37
N GLY B 73 -13.26 -7.17 5.73
CA GLY B 73 -13.75 -6.41 6.89
C GLY B 73 -13.83 -4.91 6.61
N SER B 74 -13.78 -4.49 5.35
CA SER B 74 -13.86 -3.04 5.00
C SER B 74 -15.32 -2.59 5.04
N THR B 75 -15.61 -1.46 5.68
CA THR B 75 -16.95 -0.82 5.78
C THR B 75 -17.03 0.18 4.65
N PRO B 76 -18.23 0.71 4.31
CA PRO B 76 -18.34 1.74 3.28
C PRO B 76 -17.44 2.94 3.58
N LEU B 77 -17.22 3.24 4.87
CA LEU B 77 -16.42 4.41 5.29
C LEU B 77 -14.92 4.12 5.05
N HIS B 78 -14.43 2.92 5.34
CA HIS B 78 -13.05 2.52 4.94
C HIS B 78 -12.89 2.78 3.46
N LEU B 79 -13.81 2.27 2.65
CA LEU B 79 -13.62 2.31 1.18
C LEU B 79 -13.71 3.74 0.67
N ALA B 80 -14.65 4.55 1.16
CA ALA B 80 -14.82 5.96 0.70
C ALA B 80 -13.57 6.77 1.11
N ALA B 81 -13.07 6.53 2.32
CA ALA B 81 -11.92 7.25 2.91
C ALA B 81 -10.66 7.00 2.06
N LYS B 82 -10.38 5.73 1.78
CA LYS B 82 -9.16 5.32 1.05
C LYS B 82 -9.25 5.83 -0.40
N MET B 83 -10.45 5.91 -0.98
CA MET B 83 -10.60 6.29 -2.42
C MET B 83 -10.84 7.81 -2.55
N GLY B 84 -10.73 8.56 -1.46
CA GLY B 84 -10.76 10.04 -1.50
C GLY B 84 -12.15 10.60 -1.74
N HIS B 85 -13.21 9.84 -1.45
CA HIS B 85 -14.62 10.27 -1.70
C HIS B 85 -15.16 11.04 -0.48
N LEU B 86 -14.84 12.33 -0.40
CA LEU B 86 -15.14 13.21 0.75
C LEU B 86 -16.64 13.21 1.04
N GLU B 87 -17.45 13.45 0.03
CA GLU B 87 -18.89 13.67 0.23
C GLU B 87 -19.48 12.38 0.78
N ILE B 88 -19.10 11.21 0.25
CA ILE B 88 -19.61 9.91 0.78
C ILE B 88 -19.14 9.74 2.24
N VAL B 89 -17.89 10.09 2.52
CA VAL B 89 -17.35 10.03 3.93
C VAL B 89 -18.25 10.87 4.85
N GLU B 90 -18.60 12.07 4.40
CA GLU B 90 -19.45 13.01 5.18
C GLU B 90 -20.84 12.40 5.39
N VAL B 91 -21.50 11.96 4.32
CA VAL B 91 -22.87 11.41 4.45
C VAL B 91 -22.81 10.20 5.38
N LEU B 92 -21.81 9.33 5.22
CA LEU B 92 -21.77 8.05 5.98
C LEU B 92 -21.66 8.42 7.47
N LEU B 93 -20.83 9.41 7.80
CA LEU B 93 -20.60 9.74 9.23
C LEU B 93 -21.89 10.35 9.81
N LYS B 94 -22.70 11.03 9.03
CA LYS B 94 -23.90 11.68 9.66
C LYS B 94 -25.10 10.74 9.65
N THR B 95 -24.96 9.55 9.05
CA THR B 95 -26.01 8.50 9.01
C THR B 95 -25.60 7.31 9.86
N GLY B 96 -24.66 7.52 10.78
CA GLY B 96 -24.37 6.57 11.87
C GLY B 96 -23.17 5.68 11.56
N ALA B 97 -22.39 5.91 10.49
CA ALA B 97 -21.24 5.03 10.18
C ALA B 97 -20.30 4.99 11.40
N ASP B 98 -19.71 3.85 11.68
CA ASP B 98 -18.79 3.75 12.85
C ASP B 98 -17.40 4.21 12.41
N VAL B 99 -16.99 5.35 12.93
CA VAL B 99 -15.78 6.13 12.57
C VAL B 99 -14.53 5.30 12.91
N ASN B 100 -14.56 4.43 13.93
CA ASN B 100 -13.39 3.63 14.36
C ASN B 100 -13.54 2.14 13.98
N ALA B 101 -14.33 1.83 12.95
CA ALA B 101 -14.51 0.46 12.47
C ALA B 101 -13.14 -0.12 12.12
N GLU B 102 -12.92 -1.39 12.46
CA GLU B 102 -11.67 -2.12 12.15
C GLU B 102 -11.91 -3.11 11.03
N ASP B 103 -11.01 -3.15 10.05
CA ASP B 103 -11.03 -4.21 9.02
C ASP B 103 -10.34 -5.46 9.62
N THR B 104 -10.25 -6.51 8.84
CA THR B 104 -9.55 -7.78 9.18
C THR B 104 -8.11 -7.52 9.62
N ALA B 105 -7.39 -6.60 8.99
CA ALA B 105 -5.99 -6.23 9.34
C ALA B 105 -5.92 -5.30 10.56
N GLY B 106 -7.04 -4.86 11.12
CA GLY B 106 -7.03 -3.95 12.29
C GLY B 106 -6.99 -2.48 11.90
N TYR B 107 -7.11 -2.10 10.63
CA TYR B 107 -7.07 -0.67 10.18
C TYR B 107 -8.45 0.01 10.30
N THR B 108 -8.42 1.27 10.76
CA THR B 108 -9.57 2.21 10.81
C THR B 108 -9.60 3.04 9.54
N PRO B 109 -10.74 3.73 9.28
CA PRO B 109 -10.81 4.66 8.16
C PRO B 109 -9.68 5.70 8.21
N LEU B 110 -9.28 6.13 9.41
CA LEU B 110 -8.21 7.13 9.59
C LEU B 110 -6.87 6.51 9.18
N HIS B 111 -6.59 5.26 9.55
CA HIS B 111 -5.38 4.55 9.03
C HIS B 111 -5.33 4.69 7.49
N LEU B 112 -6.47 4.40 6.84
CA LEU B 112 -6.56 4.29 5.36
C LEU B 112 -6.44 5.67 4.71
N ALA B 113 -7.12 6.67 5.22
CA ALA B 113 -7.01 8.07 4.74
C ALA B 113 -5.57 8.60 4.93
N ALA B 114 -4.97 8.20 6.06
CA ALA B 114 -3.58 8.56 6.47
C ALA B 114 -2.60 7.97 5.46
N ALA B 115 -2.75 6.68 5.16
CA ALA B 115 -1.88 5.92 4.24
C ALA B 115 -1.97 6.50 2.84
N TRP B 116 -3.16 6.81 2.38
CA TRP B 116 -3.43 7.13 0.96
C TRP B 116 -3.40 8.65 0.71
N GLY B 117 -3.04 9.45 1.75
CA GLY B 117 -2.74 10.88 1.58
C GLY B 117 -4.01 11.72 1.35
N HIS B 118 -5.14 11.40 1.97
CA HIS B 118 -6.38 12.20 1.78
C HIS B 118 -6.57 13.11 2.98
N LEU B 119 -6.00 14.32 2.93
CA LEU B 119 -5.94 15.28 4.06
C LEU B 119 -7.36 15.70 4.50
N GLU B 120 -8.21 16.21 3.60
CA GLU B 120 -9.59 16.62 4.01
C GLU B 120 -10.27 15.46 4.75
N ILE B 121 -10.16 14.23 4.25
CA ILE B 121 -10.91 13.10 4.86
C ILE B 121 -10.34 12.86 6.26
N VAL B 122 -9.02 12.87 6.41
CA VAL B 122 -8.39 12.68 7.74
C VAL B 122 -9.02 13.70 8.72
N GLU B 123 -9.18 14.95 8.31
CA GLU B 123 -9.74 16.03 9.18
C GLU B 123 -11.19 15.73 9.55
N VAL B 124 -12.01 15.38 8.56
CA VAL B 124 -13.44 15.08 8.79
C VAL B 124 -13.50 13.93 9.81
N LEU B 125 -12.59 12.95 9.70
CA LEU B 125 -12.64 11.77 10.61
C LEU B 125 -12.30 12.23 12.04
N LEU B 126 -11.28 13.08 12.20
CA LEU B 126 -10.84 13.57 13.54
C LEU B 126 -11.99 14.38 14.16
N LYS B 127 -12.67 15.23 13.39
CA LYS B 127 -13.86 15.99 13.87
C LYS B 127 -14.94 15.06 14.40
N HIS B 128 -15.20 13.93 13.75
CA HIS B 128 -16.25 12.95 14.14
C HIS B 128 -15.67 11.85 15.05
N GLY B 129 -14.60 12.14 15.82
CA GLY B 129 -14.13 11.26 16.93
C GLY B 129 -13.22 10.12 16.47
N ALA B 130 -12.50 10.24 15.36
CA ALA B 130 -11.51 9.20 14.93
C ALA B 130 -10.39 9.15 15.99
N ASP B 131 -10.05 7.92 16.42
CA ASP B 131 -9.07 7.57 17.49
C ASP B 131 -7.65 7.59 16.91
N VAL B 132 -6.86 8.59 17.22
CA VAL B 132 -5.47 8.73 16.70
C VAL B 132 -4.56 7.63 17.28
N ASN B 133 -4.93 7.03 18.41
CA ASN B 133 -4.09 5.96 19.05
C ASN B 133 -4.52 4.56 18.56
N ALA B 134 -5.41 4.50 17.55
CA ALA B 134 -5.90 3.21 16.99
C ALA B 134 -4.68 2.44 16.45
N GLN B 135 -4.63 1.14 16.69
CA GLN B 135 -3.50 0.29 16.29
C GLN B 135 -4.02 -0.82 15.41
N ASP B 136 -3.31 -1.14 14.33
CA ASP B 136 -3.62 -2.35 13.55
C ASP B 136 -3.08 -3.60 14.28
N LYS B 137 -3.25 -4.78 13.67
CA LYS B 137 -2.68 -6.06 14.16
C LYS B 137 -1.18 -5.89 14.47
N PHE B 138 -0.43 -5.05 13.74
CA PHE B 138 1.03 -4.85 13.89
C PHE B 138 1.36 -3.65 14.78
N GLY B 139 0.38 -3.15 15.52
CA GLY B 139 0.56 -2.07 16.51
C GLY B 139 0.88 -0.69 15.91
N LYS B 140 0.64 -0.52 14.58
CA LYS B 140 0.80 0.78 13.86
C LYS B 140 -0.43 1.69 14.06
N THR B 141 -0.18 2.98 14.24
CA THR B 141 -1.21 4.05 14.35
C THR B 141 -1.32 4.73 12.99
N PRO B 142 -2.35 5.59 12.75
CA PRO B 142 -2.44 6.34 11.49
C PRO B 142 -1.18 7.16 11.26
N PHE B 143 -0.61 7.70 12.36
CA PHE B 143 0.65 8.49 12.32
C PHE B 143 1.70 7.65 11.56
N ASP B 144 1.98 6.44 12.05
CA ASP B 144 3.11 5.63 11.53
C ASP B 144 2.88 5.38 10.04
N LEU B 145 1.63 5.18 9.62
CA LEU B 145 1.23 4.93 8.20
C LEU B 145 1.52 6.16 7.36
N ALA B 146 1.17 7.35 7.86
CA ALA B 146 1.46 8.64 7.19
C ALA B 146 2.98 8.75 7.04
N ALA B 147 3.71 8.45 8.13
CA ALA B 147 5.20 8.47 8.14
C ALA B 147 5.68 7.56 7.02
N ILE B 148 5.27 6.31 7.04
CA ILE B 148 5.76 5.28 6.08
C ILE B 148 5.54 5.70 4.63
N PHE B 149 4.40 6.31 4.30
CA PHE B 149 4.10 6.64 2.89
C PHE B 149 4.47 8.08 2.53
N GLY B 150 5.16 8.74 3.44
CA GLY B 150 5.69 10.12 3.25
C GLY B 150 4.56 11.15 3.11
N ASN B 151 3.45 11.00 3.85
CA ASN B 151 2.31 11.96 3.83
C ASN B 151 2.47 12.98 4.96
N GLU B 152 3.31 14.00 4.72
CA GLU B 152 3.94 14.86 5.75
C GLU B 152 2.91 15.69 6.51
N ASP B 153 2.10 16.48 5.79
CA ASP B 153 1.01 17.31 6.36
C ASP B 153 0.21 16.44 7.35
N ILE B 154 -0.26 15.29 6.88
CA ILE B 154 -1.17 14.39 7.65
C ILE B 154 -0.42 13.90 8.90
N ALA B 155 0.86 13.55 8.78
CA ALA B 155 1.64 13.04 9.93
C ALA B 155 1.70 14.10 11.03
N GLU B 156 1.74 15.38 10.64
CA GLU B 156 1.87 16.55 11.55
C GLU B 156 0.56 16.76 12.31
N VAL B 157 -0.54 16.75 11.56
CA VAL B 157 -1.91 16.87 12.11
C VAL B 157 -2.11 15.77 13.15
N LEU B 158 -1.79 14.53 12.79
CA LEU B 158 -1.91 13.34 13.67
C LEU B 158 -1.00 13.45 14.92
N GLN B 159 0.14 14.15 14.84
CA GLN B 159 1.06 14.32 16.00
C GLN B 159 0.47 15.33 16.99
N LYS B 160 -0.12 16.41 16.46
CA LYS B 160 -0.76 17.50 17.24
C LYS B 160 -2.01 16.94 17.91
N ALA B 161 -2.83 16.20 17.15
CA ALA B 161 -4.02 15.47 17.64
C ALA B 161 -3.66 14.62 18.86
N ALA B 162 -2.61 13.80 18.77
CA ALA B 162 -2.24 12.78 19.80
C ALA B 162 -1.88 13.44 21.13
N LYS B 163 -1.28 14.64 21.13
CA LYS B 163 -0.82 15.37 22.34
C LYS B 163 -2.04 15.78 23.18
N LEU B 164 -3.07 16.31 22.50
CA LEU B 164 -4.38 16.71 23.10
C LEU B 164 -5.17 15.45 23.46
N ASN B 165 -5.68 15.38 24.69
CA ASN B 165 -6.48 14.23 25.21
C ASN B 165 -7.86 14.24 24.51
#